data_5B7W
#
_entry.id   5B7W
#
_cell.length_a   51.510
_cell.length_b   65.470
_cell.length_c   52.284
_cell.angle_alpha   90.00
_cell.angle_beta   92.69
_cell.angle_gamma   90.00
#
_symmetry.space_group_name_H-M   'P 1 21 1'
#
loop_
_entity.id
_entity.type
_entity.pdbx_description
1 polymer 'UPF0234 protein XC_3703'
2 water water
#
_entity_poly.entity_id   1
_entity_poly.type   'polypeptide(L)'
_entity_poly.pdbx_seq_one_letter_code
;MPSFDVISEVDKHELTNAVDQANRELDTRFDFKGVEAKFELEDGKVINQSAPSDFQVKQMTDILRARLLARGIDVRCLEF
GDVETNLAGARQKVTVKQGIEQKQAKQLVAKLKEAKLKVEAQINGDKLRVTGKKRDDLQDAIAVLKKADFELPLQFDNFR
DLEHHHHHH
;
_entity_poly.pdbx_strand_id   A,B
#
# COMPACT_ATOMS: atom_id res chain seq x y z
N MET A 1 16.48 -14.75 -18.71
CA MET A 1 16.67 -13.31 -18.54
C MET A 1 15.68 -12.76 -17.52
N PRO A 2 16.19 -12.32 -16.36
CA PRO A 2 15.32 -11.77 -15.33
C PRO A 2 14.65 -10.48 -15.80
N SER A 3 13.48 -10.19 -15.21
CA SER A 3 12.71 -9.03 -15.62
C SER A 3 11.91 -8.50 -14.43
N PHE A 4 11.48 -7.25 -14.56
CA PHE A 4 10.58 -6.62 -13.60
C PHE A 4 9.70 -5.64 -14.36
N ASP A 5 8.70 -5.11 -13.66
CA ASP A 5 7.76 -4.17 -14.25
C ASP A 5 7.95 -2.79 -13.62
N VAL A 6 8.04 -1.78 -14.48
CA VAL A 6 7.96 -0.38 -14.04
C VAL A 6 6.48 0.02 -14.08
N ILE A 7 5.93 0.35 -12.92
CA ILE A 7 4.51 0.68 -12.82
C ILE A 7 4.37 2.07 -12.23
N SER A 8 3.16 2.62 -12.38
CA SER A 8 2.78 3.90 -11.77
C SER A 8 1.34 3.71 -11.28
N GLU A 9 1.20 3.26 -10.04
CA GLU A 9 -0.09 2.88 -9.49
C GLU A 9 -0.30 3.54 -8.14
N VAL A 10 -1.57 3.76 -7.81
CA VAL A 10 -2.00 4.31 -6.53
C VAL A 10 -3.00 3.34 -5.92
N ASP A 11 -2.79 2.99 -4.66
CA ASP A 11 -3.72 2.09 -3.98
C ASP A 11 -5.10 2.73 -3.90
N LYS A 12 -6.11 1.99 -4.38
CA LYS A 12 -7.45 2.56 -4.48
C LYS A 12 -8.06 2.85 -3.12
N HIS A 13 -7.72 2.05 -2.10
CA HIS A 13 -8.28 2.29 -0.77
C HIS A 13 -7.62 3.50 -0.11
N GLU A 14 -6.29 3.56 -0.16
CA GLU A 14 -5.59 4.69 0.46
C GLU A 14 -5.95 6.01 -0.24
N LEU A 15 -6.19 5.96 -1.55
CA LEU A 15 -6.69 7.14 -2.25
C LEU A 15 -8.04 7.55 -1.70
N THR A 16 -8.89 6.57 -1.40
CA THR A 16 -10.19 6.86 -0.81
C THR A 16 -10.04 7.38 0.62
N ASN A 17 -9.14 6.77 1.40
CA ASN A 17 -8.92 7.22 2.76
C ASN A 17 -8.43 8.67 2.81
N ALA A 18 -7.49 9.01 1.92
CA ALA A 18 -6.96 10.37 1.91
C ALA A 18 -8.04 11.40 1.61
N VAL A 19 -8.94 11.09 0.68
CA VAL A 19 -10.03 12.02 0.38
C VAL A 19 -10.99 12.12 1.55
N ASP A 20 -11.30 10.99 2.19
CA ASP A 20 -12.17 11.02 3.36
C ASP A 20 -11.54 11.82 4.50
N GLN A 21 -10.24 11.64 4.73
CA GLN A 21 -9.57 12.40 5.77
C GLN A 21 -9.48 13.88 5.42
N ALA A 22 -9.39 14.21 4.12
CA ALA A 22 -9.37 15.61 3.71
C ALA A 22 -10.72 16.28 3.98
N ASN A 23 -11.81 15.56 3.71
CA ASN A 23 -13.13 16.11 4.03
C ASN A 23 -13.32 16.24 5.53
N ARG A 24 -12.85 15.24 6.30
CA ARG A 24 -12.92 15.34 7.75
C ARG A 24 -12.08 16.50 8.26
N GLU A 25 -10.94 16.76 7.61
CA GLU A 25 -10.07 17.84 8.06
C GLU A 25 -10.69 19.20 7.81
N LEU A 26 -11.44 19.35 6.71
CA LEU A 26 -12.14 20.61 6.44
C LEU A 26 -13.18 20.90 7.51
N ASP A 27 -13.84 19.86 8.03
CA ASP A 27 -14.88 20.05 9.03
C ASP A 27 -14.32 20.53 10.37
N THR A 28 -13.01 20.46 10.57
CA THR A 28 -12.38 20.91 11.81
C THR A 28 -11.65 22.23 11.65
N ARG A 29 -11.59 22.79 10.45
CA ARG A 29 -10.88 24.04 10.22
C ARG A 29 -11.82 25.22 10.40
N PHE A 30 -11.32 26.25 11.11
CA PHE A 30 -12.18 27.35 11.51
C PHE A 30 -12.53 28.27 10.35
N ASP A 31 -11.64 28.38 9.36
CA ASP A 31 -11.90 29.23 8.21
C ASP A 31 -12.83 28.59 7.19
N PHE A 32 -13.25 27.35 7.41
CA PHE A 32 -14.29 26.71 6.61
C PHE A 32 -15.58 26.54 7.40
N LYS A 33 -15.76 27.35 8.44
CA LYS A 33 -16.99 27.37 9.22
C LYS A 33 -18.20 27.56 8.33
N GLY A 34 -19.13 26.61 8.38
CA GLY A 34 -20.33 26.63 7.57
C GLY A 34 -20.09 26.90 6.09
N VAL A 35 -18.84 26.77 5.65
CA VAL A 35 -18.45 27.07 4.28
C VAL A 35 -18.68 25.83 3.43
N GLU A 36 -19.38 26.00 2.31
CA GLU A 36 -19.69 24.88 1.41
C GLU A 36 -18.44 24.55 0.62
N ALA A 37 -17.70 23.54 1.07
CA ALA A 37 -16.50 23.08 0.40
C ALA A 37 -16.38 21.58 0.61
N LYS A 38 -15.79 20.90 -0.38
CA LYS A 38 -15.75 19.45 -0.34
C LYS A 38 -14.74 18.92 -1.34
N PHE A 39 -14.21 17.74 -1.04
CA PHE A 39 -13.47 16.92 -1.99
C PHE A 39 -14.36 15.75 -2.42
N GLU A 40 -14.42 15.48 -3.71
CA GLU A 40 -15.18 14.35 -4.24
C GLU A 40 -14.26 13.50 -5.10
N LEU A 41 -14.08 12.24 -4.70
CA LEU A 41 -13.32 11.29 -5.50
C LEU A 41 -14.24 10.68 -6.55
N GLU A 42 -13.86 10.79 -7.82
CA GLU A 42 -14.70 10.40 -8.95
C GLU A 42 -14.04 9.27 -9.70
N ASP A 43 -14.71 8.12 -9.77
CA ASP A 43 -14.26 6.93 -10.49
C ASP A 43 -12.87 6.47 -10.05
N GLY A 44 -12.46 6.83 -8.82
CA GLY A 44 -11.14 6.48 -8.36
C GLY A 44 -10.01 7.09 -9.16
N LYS A 45 -10.29 8.14 -9.92
CA LYS A 45 -9.30 8.79 -10.78
C LYS A 45 -9.27 10.30 -10.62
N VAL A 46 -10.43 10.94 -10.43
CA VAL A 46 -10.55 12.39 -10.42
C VAL A 46 -10.98 12.84 -9.04
N ILE A 47 -10.27 13.84 -8.50
CA ILE A 47 -10.64 14.48 -7.25
C ILE A 47 -11.14 15.88 -7.60
N ASN A 48 -12.43 16.12 -7.35
CA ASN A 48 -13.03 17.42 -7.63
C ASN A 48 -13.00 18.26 -6.37
N GLN A 49 -12.33 19.41 -6.44
CA GLN A 49 -12.30 20.38 -5.36
C GLN A 49 -13.28 21.51 -5.67
N SER A 50 -14.01 21.95 -4.65
CA SER A 50 -14.99 23.01 -4.83
C SER A 50 -15.05 23.85 -3.57
N ALA A 51 -15.01 25.17 -3.73
CA ALA A 51 -15.05 26.10 -2.63
C ALA A 51 -15.63 27.41 -3.13
N PRO A 52 -16.01 28.32 -2.24
CA PRO A 52 -16.52 29.62 -2.69
C PRO A 52 -15.53 30.44 -3.49
N SER A 53 -14.23 30.36 -3.18
CA SER A 53 -13.25 31.24 -3.79
C SER A 53 -12.05 30.45 -4.29
N ASP A 54 -11.28 31.12 -5.17
CA ASP A 54 -10.05 30.51 -5.70
C ASP A 54 -9.04 30.24 -4.60
N PHE A 55 -8.95 31.15 -3.61
CA PHE A 55 -7.98 30.98 -2.53
C PHE A 55 -8.34 29.79 -1.65
N GLN A 56 -9.63 29.56 -1.42
CA GLN A 56 -10.04 28.45 -0.56
C GLN A 56 -9.75 27.10 -1.21
N VAL A 57 -9.85 27.02 -2.53
CA VAL A 57 -9.44 25.80 -3.23
C VAL A 57 -7.93 25.61 -3.12
N LYS A 58 -7.18 26.71 -3.20
CA LYS A 58 -5.73 26.63 -3.02
C LYS A 58 -5.37 26.10 -1.64
N GLN A 59 -6.12 26.51 -0.61
CA GLN A 59 -5.94 25.94 0.71
C GLN A 59 -6.25 24.45 0.71
N MET A 60 -7.35 24.06 0.06
CA MET A 60 -7.72 22.64 0.01
C MET A 60 -6.66 21.82 -0.72
N THR A 61 -5.98 22.41 -1.70
CA THR A 61 -4.89 21.71 -2.36
C THR A 61 -3.79 21.34 -1.38
N ASP A 62 -3.45 22.25 -0.47
CA ASP A 62 -2.46 21.95 0.56
C ASP A 62 -2.95 20.85 1.48
N ILE A 63 -4.24 20.85 1.81
CA ILE A 63 -4.80 19.78 2.62
C ILE A 63 -4.77 18.46 1.85
N LEU A 64 -5.17 18.49 0.57
CA LEU A 64 -5.22 17.26 -0.22
C LEU A 64 -3.83 16.68 -0.41
N ARG A 65 -2.82 17.52 -0.61
CA ARG A 65 -1.45 17.02 -0.71
C ARG A 65 -1.01 16.34 0.58
N ALA A 66 -1.24 17.00 1.72
CA ALA A 66 -0.81 16.44 3.00
C ALA A 66 -1.53 15.13 3.30
N ARG A 67 -2.82 15.05 2.95
CA ARG A 67 -3.55 13.81 3.20
C ARG A 67 -3.04 12.67 2.32
N LEU A 68 -2.81 12.95 1.03
CA LEU A 68 -2.32 11.92 0.13
C LEU A 68 -0.94 11.44 0.56
N LEU A 69 -0.05 12.37 0.89
CA LEU A 69 1.27 11.98 1.38
C LEU A 69 1.16 11.18 2.67
N ALA A 70 0.24 11.56 3.56
CA ALA A 70 0.07 10.85 4.82
C ALA A 70 -0.35 9.40 4.62
N ARG A 71 -0.93 9.06 3.47
CA ARG A 71 -1.28 7.68 3.15
C ARG A 71 -0.27 7.05 2.18
N GLY A 72 0.94 7.61 2.09
CA GLY A 72 2.00 7.01 1.32
C GLY A 72 1.94 7.22 -0.18
N ILE A 73 1.17 8.20 -0.64
CA ILE A 73 0.99 8.45 -2.06
C ILE A 73 1.90 9.59 -2.49
N ASP A 74 2.71 9.34 -3.52
CA ASP A 74 3.54 10.39 -4.12
C ASP A 74 2.64 11.36 -4.86
N VAL A 75 2.55 12.60 -4.38
CA VAL A 75 1.62 13.57 -4.94
C VAL A 75 2.05 14.10 -6.29
N ARG A 76 3.19 13.66 -6.82
CA ARG A 76 3.54 14.03 -8.19
C ARG A 76 2.65 13.36 -9.22
N CYS A 77 1.86 12.36 -8.80
CA CYS A 77 0.84 11.78 -9.66
C CYS A 77 -0.35 12.70 -9.88
N LEU A 78 -0.39 13.84 -9.19
CA LEU A 78 -1.54 14.75 -9.31
C LEU A 78 -1.38 15.64 -10.53
N GLU A 79 -2.44 15.74 -11.32
CA GLU A 79 -2.50 16.64 -12.47
C GLU A 79 -3.60 17.65 -12.21
N PHE A 80 -3.21 18.89 -11.93
CA PHE A 80 -4.16 19.94 -11.56
C PHE A 80 -4.67 20.64 -12.80
N GLY A 81 -5.98 20.60 -13.02
CA GLY A 81 -6.60 21.38 -14.06
C GLY A 81 -6.75 22.83 -13.67
N ASP A 82 -7.35 23.60 -14.57
CA ASP A 82 -7.59 25.01 -14.29
C ASP A 82 -8.64 25.19 -13.21
N VAL A 83 -8.43 26.18 -12.35
CA VAL A 83 -9.43 26.55 -11.35
C VAL A 83 -10.54 27.32 -12.07
N GLU A 84 -11.72 26.72 -12.14
CA GLU A 84 -12.86 27.33 -12.80
C GLU A 84 -13.76 28.02 -11.77
N THR A 85 -14.09 29.28 -12.03
CA THR A 85 -14.92 30.07 -11.13
C THR A 85 -16.15 30.55 -11.87
N ASN A 86 -17.33 30.32 -11.26
CA ASN A 86 -18.56 30.90 -11.75
C ASN A 86 -19.22 31.61 -10.57
N LEU A 87 -20.52 31.88 -10.69
CA LEU A 87 -21.22 32.55 -9.60
C LEU A 87 -21.38 31.64 -8.39
N ALA A 88 -21.46 30.33 -8.61
CA ALA A 88 -21.64 29.39 -7.50
C ALA A 88 -20.37 29.26 -6.67
N GLY A 89 -19.21 29.48 -7.25
CA GLY A 89 -17.96 29.37 -6.52
C GLY A 89 -16.85 28.92 -7.45
N ALA A 90 -15.81 28.36 -6.85
CA ALA A 90 -14.63 27.89 -7.56
C ALA A 90 -14.60 26.36 -7.56
N ARG A 91 -14.16 25.78 -8.67
CA ARG A 91 -14.04 24.34 -8.80
C ARG A 91 -12.77 24.01 -9.56
N GLN A 92 -12.16 22.87 -9.20
CA GLN A 92 -10.93 22.43 -9.85
C GLN A 92 -10.88 20.92 -9.89
N LYS A 93 -10.52 20.39 -11.04
CA LYS A 93 -10.40 18.94 -11.25
C LYS A 93 -8.94 18.53 -11.11
N VAL A 94 -8.69 17.56 -10.23
CA VAL A 94 -7.35 17.03 -10.01
C VAL A 94 -7.36 15.58 -10.45
N THR A 95 -6.59 15.26 -11.49
CA THR A 95 -6.50 13.91 -12.01
C THR A 95 -5.41 13.16 -11.28
N VAL A 96 -5.77 12.05 -10.64
CA VAL A 96 -4.79 11.17 -10.02
C VAL A 96 -4.22 10.26 -11.09
N LYS A 97 -3.10 10.66 -11.68
CA LYS A 97 -2.53 9.93 -12.80
C LYS A 97 -2.04 8.55 -12.35
N GLN A 98 -2.42 7.52 -13.11
CA GLN A 98 -2.00 6.15 -12.87
C GLN A 98 -1.75 5.47 -14.20
N GLY A 99 -0.80 4.53 -14.20
CA GLY A 99 -0.43 3.84 -15.42
C GLY A 99 0.54 4.65 -16.27
N ILE A 100 1.37 3.96 -17.05
CA ILE A 100 2.37 4.63 -17.88
C ILE A 100 1.88 4.61 -19.31
N GLU A 101 1.45 5.77 -19.80
CA GLU A 101 0.97 5.90 -21.18
C GLU A 101 2.12 5.69 -22.16
N GLN A 102 1.74 5.48 -23.43
CA GLN A 102 2.74 5.25 -24.47
C GLN A 102 3.68 6.44 -24.61
N LYS A 103 3.19 7.65 -24.34
CA LYS A 103 4.05 8.83 -24.38
C LYS A 103 5.16 8.72 -23.35
N GLN A 104 4.79 8.52 -22.08
CA GLN A 104 5.79 8.45 -21.02
C GLN A 104 6.62 7.17 -21.10
N ALA A 105 6.05 6.10 -21.64
CA ALA A 105 6.78 4.84 -21.75
C ALA A 105 7.96 4.97 -22.72
N LYS A 106 7.72 5.50 -23.92
CA LYS A 106 8.80 5.75 -24.86
C LYS A 106 9.84 6.70 -24.28
N GLN A 107 9.40 7.71 -23.52
CA GLN A 107 10.36 8.48 -22.75
C GLN A 107 11.14 7.59 -21.80
N LEU A 108 10.47 6.62 -21.17
CA LEU A 108 11.19 5.76 -20.23
C LEU A 108 12.22 4.90 -20.95
N VAL A 109 11.92 4.49 -22.18
CA VAL A 109 12.88 3.68 -22.93
C VAL A 109 14.06 4.54 -23.38
N ALA A 110 13.81 5.83 -23.62
CA ALA A 110 14.82 6.67 -24.28
C ALA A 110 15.95 7.06 -23.33
N LYS A 111 15.64 7.39 -22.07
CA LYS A 111 16.72 7.67 -21.13
C LYS A 111 17.43 6.39 -20.70
N LEU A 112 16.71 5.25 -20.72
CA LEU A 112 17.38 3.97 -20.54
C LEU A 112 18.43 3.75 -21.63
N LYS A 113 18.03 3.93 -22.89
CA LYS A 113 18.98 3.88 -23.99
C LYS A 113 20.02 4.98 -23.86
N GLU A 114 19.59 6.17 -23.44
CA GLU A 114 20.51 7.28 -23.24
C GLU A 114 21.57 6.96 -22.19
N ALA A 115 21.14 6.21 -21.22
CA ALA A 115 22.02 5.81 -20.16
C ALA A 115 22.79 4.62 -20.56
N LYS A 116 22.69 4.25 -21.83
CA LYS A 116 23.37 3.10 -22.41
C LYS A 116 23.49 1.99 -21.40
N LEU A 117 22.36 1.45 -21.01
CA LEU A 117 22.25 0.41 -20.02
C LEU A 117 22.03 -0.91 -20.64
N LYS A 118 22.46 -1.94 -19.95
CA LYS A 118 22.34 -3.29 -20.44
C LYS A 118 20.93 -3.89 -20.22
N VAL A 119 19.92 -3.13 -20.59
CA VAL A 119 18.56 -3.60 -20.41
C VAL A 119 17.80 -3.45 -21.71
N GLU A 120 16.75 -4.26 -21.84
CA GLU A 120 15.81 -4.16 -22.95
C GLU A 120 14.43 -3.88 -22.37
N ALA A 121 13.82 -2.79 -22.80
CA ALA A 121 12.54 -2.34 -22.29
C ALA A 121 11.44 -2.60 -23.31
N GLN A 122 10.28 -3.04 -22.82
CA GLN A 122 9.14 -3.32 -23.67
C GLN A 122 7.88 -2.85 -22.99
N ILE A 123 7.04 -2.12 -23.72
CA ILE A 123 5.76 -1.68 -23.18
C ILE A 123 4.79 -2.85 -23.19
N ASN A 124 4.03 -2.99 -22.11
CA ASN A 124 3.01 -4.03 -21.99
C ASN A 124 1.81 -3.38 -21.32
N GLY A 125 0.88 -2.90 -22.14
CA GLY A 125 -0.25 -2.17 -21.59
C GLY A 125 0.22 -0.83 -21.04
N ASP A 126 -0.13 -0.55 -19.79
CA ASP A 126 0.26 0.68 -19.12
C ASP A 126 1.49 0.48 -18.23
N LYS A 127 2.21 -0.62 -18.41
CA LYS A 127 3.42 -0.91 -17.66
C LYS A 127 4.59 -1.07 -18.61
N LEU A 128 5.80 -0.96 -18.06
CA LEU A 128 7.03 -1.13 -18.82
C LEU A 128 7.82 -2.28 -18.20
N ARG A 129 7.96 -3.38 -18.96
CA ARG A 129 8.77 -4.49 -18.50
C ARG A 129 10.20 -4.33 -18.97
N VAL A 130 11.14 -4.43 -18.03
CA VAL A 130 12.56 -4.26 -18.30
C VAL A 130 13.24 -5.60 -18.15
N THR A 131 14.01 -6.01 -19.15
CA THR A 131 14.73 -7.28 -19.14
C THR A 131 16.22 -7.03 -19.31
N GLY A 132 17.02 -7.79 -18.55
CA GLY A 132 18.46 -7.72 -18.65
C GLY A 132 19.06 -9.09 -18.43
N LYS A 133 20.34 -9.23 -18.79
CA LYS A 133 20.98 -10.55 -18.68
C LYS A 133 21.25 -10.91 -17.22
N LYS A 134 21.47 -9.93 -16.35
CA LYS A 134 21.73 -10.18 -14.94
C LYS A 134 20.93 -9.21 -14.08
N ARG A 135 20.79 -9.57 -12.81
CA ARG A 135 19.96 -8.80 -11.88
C ARG A 135 20.54 -7.42 -11.61
N ASP A 136 21.86 -7.31 -11.57
CA ASP A 136 22.49 -6.02 -11.25
C ASP A 136 22.30 -5.00 -12.36
N ASP A 137 22.07 -5.44 -13.59
CA ASP A 137 21.65 -4.52 -14.64
C ASP A 137 20.24 -4.00 -14.38
N LEU A 138 19.39 -4.80 -13.74
CA LEU A 138 18.03 -4.35 -13.44
C LEU A 138 18.06 -3.27 -12.37
N GLN A 139 18.82 -3.49 -11.29
CA GLN A 139 18.97 -2.46 -10.27
C GLN A 139 19.61 -1.21 -10.85
N ASP A 140 20.60 -1.38 -11.73
CA ASP A 140 21.16 -0.24 -12.43
C ASP A 140 20.10 0.54 -13.18
N ALA A 141 19.13 -0.18 -13.77
CA ALA A 141 17.98 0.50 -14.37
C ALA A 141 17.06 1.07 -13.29
N ILE A 142 16.82 0.29 -12.23
CA ILE A 142 15.95 0.76 -11.15
C ILE A 142 16.55 1.99 -10.47
N ALA A 143 17.85 1.92 -10.14
CA ALA A 143 18.50 3.05 -9.49
C ALA A 143 18.50 4.28 -10.39
N VAL A 144 18.62 4.08 -11.71
CA VAL A 144 18.56 5.20 -12.64
C VAL A 144 17.14 5.76 -12.71
N LEU A 145 16.15 4.87 -12.80
CA LEU A 145 14.77 5.33 -12.93
C LEU A 145 14.30 6.08 -11.69
N LYS A 146 14.78 5.66 -10.51
CA LYS A 146 14.46 6.38 -9.28
C LYS A 146 14.99 7.82 -9.33
N LYS A 147 16.28 7.96 -9.64
CA LYS A 147 16.93 9.28 -9.66
C LYS A 147 16.74 10.03 -10.96
N ALA A 148 15.57 9.93 -11.58
CA ALA A 148 15.30 10.57 -12.87
C ALA A 148 14.44 11.81 -12.66
N ASP A 149 14.23 12.54 -13.75
CA ASP A 149 13.39 13.74 -13.76
C ASP A 149 12.13 13.39 -14.54
N PHE A 150 11.18 12.76 -13.88
CA PHE A 150 10.01 12.20 -14.52
C PHE A 150 8.73 12.77 -13.92
N GLU A 151 7.73 12.96 -14.77
CA GLU A 151 6.44 13.52 -14.39
C GLU A 151 5.52 12.51 -13.72
N LEU A 152 6.04 11.33 -13.36
CA LEU A 152 5.24 10.28 -12.75
C LEU A 152 5.99 9.57 -11.62
N PRO A 153 5.30 9.25 -10.54
CA PRO A 153 5.88 8.34 -9.55
C PRO A 153 6.03 6.94 -10.13
N LEU A 154 7.17 6.32 -9.84
CA LEU A 154 7.49 5.00 -10.37
C LEU A 154 7.62 4.01 -9.21
N GLN A 155 7.00 2.85 -9.35
CA GLN A 155 7.23 1.71 -8.49
C GLN A 155 7.69 0.53 -9.34
N PHE A 156 8.16 -0.52 -8.67
CA PHE A 156 8.74 -1.66 -9.37
C PHE A 156 8.30 -2.93 -8.67
N ASP A 157 7.79 -3.90 -9.44
CA ASP A 157 7.29 -5.15 -8.89
C ASP A 157 7.37 -6.22 -9.97
N ASN A 158 6.75 -7.37 -9.69
CA ASN A 158 6.64 -8.48 -10.64
C ASN A 158 8.02 -8.93 -11.14
N PHE A 159 8.94 -9.07 -10.19
CA PHE A 159 10.29 -9.53 -10.51
C PHE A 159 10.23 -11.02 -10.87
N ARG A 160 10.52 -11.34 -12.13
CA ARG A 160 10.48 -12.71 -12.62
C ARG A 160 11.85 -13.11 -13.15
N ASP A 161 12.12 -14.42 -13.10
CA ASP A 161 13.37 -14.96 -13.61
C ASP A 161 13.13 -16.28 -14.33
N MET B 1 23.32 -19.97 -6.55
CA MET B 1 22.29 -20.13 -7.57
C MET B 1 20.88 -20.31 -6.98
N PRO B 2 20.69 -21.16 -5.97
CA PRO B 2 19.37 -21.26 -5.34
C PRO B 2 19.00 -19.96 -4.64
N SER B 3 17.70 -19.71 -4.54
CA SER B 3 17.20 -18.47 -3.96
C SER B 3 15.80 -18.68 -3.43
N PHE B 4 15.35 -17.73 -2.61
CA PHE B 4 13.98 -17.68 -2.12
C PHE B 4 13.61 -16.23 -1.90
N ASP B 5 12.34 -15.99 -1.63
CA ASP B 5 11.81 -14.64 -1.44
C ASP B 5 11.33 -14.48 0.00
N VAL B 6 11.76 -13.40 0.64
CA VAL B 6 11.22 -12.98 1.93
C VAL B 6 10.03 -12.08 1.66
N ILE B 7 8.86 -12.47 2.14
CA ILE B 7 7.62 -11.77 1.86
C ILE B 7 6.87 -11.52 3.15
N SER B 8 5.81 -10.72 3.04
CA SER B 8 4.84 -10.49 4.12
C SER B 8 3.48 -10.33 3.46
N GLU B 9 2.81 -11.46 3.24
CA GLU B 9 1.55 -11.49 2.52
C GLU B 9 0.50 -12.24 3.32
N VAL B 10 -0.76 -11.87 3.09
CA VAL B 10 -1.92 -12.48 3.74
C VAL B 10 -2.81 -13.04 2.63
N ASP B 11 -3.13 -14.33 2.72
CA ASP B 11 -3.93 -14.99 1.70
C ASP B 11 -5.33 -14.40 1.66
N LYS B 12 -5.80 -14.07 0.46
CA LYS B 12 -7.13 -13.48 0.30
C LYS B 12 -8.22 -14.45 0.76
N HIS B 13 -8.10 -15.72 0.37
CA HIS B 13 -9.15 -16.70 0.69
C HIS B 13 -9.19 -16.99 2.18
N GLU B 14 -8.02 -17.12 2.83
CA GLU B 14 -8.00 -17.38 4.26
C GLU B 14 -8.44 -16.16 5.06
N LEU B 15 -8.18 -14.95 4.56
CA LEU B 15 -8.66 -13.76 5.23
C LEU B 15 -10.18 -13.65 5.16
N THR B 16 -10.75 -14.00 4.01
CA THR B 16 -12.20 -13.97 3.86
C THR B 16 -12.87 -15.00 4.78
N ASN B 17 -12.32 -16.21 4.85
CA ASN B 17 -12.90 -17.24 5.70
C ASN B 17 -12.74 -16.90 7.18
N ALA B 18 -11.67 -16.19 7.53
CA ALA B 18 -11.48 -15.80 8.93
C ALA B 18 -12.49 -14.75 9.36
N VAL B 19 -12.81 -13.80 8.48
CA VAL B 19 -13.85 -12.83 8.78
C VAL B 19 -15.20 -13.51 8.88
N ASP B 20 -15.46 -14.48 7.99
CA ASP B 20 -16.71 -15.24 8.05
C ASP B 20 -16.83 -15.98 9.38
N GLN B 21 -15.75 -16.60 9.83
CA GLN B 21 -15.78 -17.28 11.12
C GLN B 21 -15.91 -16.29 12.27
N ALA B 22 -15.38 -15.08 12.12
CA ALA B 22 -15.54 -14.06 13.15
C ALA B 22 -16.99 -13.62 13.27
N ASN B 23 -17.69 -13.51 12.15
CA ASN B 23 -19.10 -13.12 12.19
C ASN B 23 -19.96 -14.26 12.71
N ARG B 24 -19.68 -15.49 12.28
CA ARG B 24 -20.43 -16.64 12.79
C ARG B 24 -20.28 -16.78 14.30
N GLU B 25 -19.09 -16.47 14.82
CA GLU B 25 -18.88 -16.55 16.26
C GLU B 25 -19.65 -15.47 17.00
N LEU B 26 -19.86 -14.31 16.38
CA LEU B 26 -20.61 -13.24 17.00
C LEU B 26 -22.05 -13.67 17.29
N ASP B 27 -22.64 -14.49 16.42
CA ASP B 27 -24.03 -14.91 16.58
C ASP B 27 -24.18 -16.08 17.54
N THR B 28 -23.09 -16.66 18.04
CA THR B 28 -23.16 -17.74 19.00
C THR B 28 -22.58 -17.39 20.35
N ARG B 29 -21.88 -16.27 20.48
CA ARG B 29 -21.27 -15.90 21.75
C ARG B 29 -22.31 -15.42 22.74
N PHE B 30 -22.13 -15.83 24.00
CA PHE B 30 -23.11 -15.55 25.04
C PHE B 30 -23.25 -14.05 25.29
N ASP B 31 -22.18 -13.30 25.17
CA ASP B 31 -22.19 -11.87 25.49
C ASP B 31 -22.60 -11.00 24.31
N PHE B 32 -22.89 -11.58 23.15
CA PHE B 32 -23.33 -10.82 21.99
C PHE B 32 -24.74 -11.19 21.54
N LYS B 33 -25.48 -11.93 22.35
CA LYS B 33 -26.85 -12.29 22.00
C LYS B 33 -27.73 -11.05 22.00
N GLY B 34 -28.43 -10.82 20.89
CA GLY B 34 -29.24 -9.62 20.74
C GLY B 34 -28.46 -8.35 20.49
N VAL B 35 -27.14 -8.43 20.33
CA VAL B 35 -26.29 -7.26 20.11
C VAL B 35 -26.01 -7.15 18.62
N GLU B 36 -26.24 -5.98 18.06
CA GLU B 36 -25.94 -5.71 16.66
C GLU B 36 -24.44 -5.48 16.52
N ALA B 37 -23.73 -6.48 16.00
CA ALA B 37 -22.29 -6.38 15.78
C ALA B 37 -21.95 -7.09 14.48
N LYS B 38 -20.93 -6.58 13.79
CA LYS B 38 -20.62 -7.10 12.47
C LYS B 38 -19.16 -6.83 12.12
N PHE B 39 -18.52 -7.81 11.48
CA PHE B 39 -17.25 -7.62 10.79
C PHE B 39 -17.52 -7.51 9.30
N GLU B 40 -16.92 -6.51 8.65
CA GLU B 40 -17.08 -6.32 7.22
C GLU B 40 -15.71 -6.18 6.57
N LEU B 41 -15.48 -6.95 5.50
CA LEU B 41 -14.22 -6.95 4.78
C LEU B 41 -14.39 -6.11 3.51
N GLU B 42 -13.73 -4.96 3.47
CA GLU B 42 -13.86 -4.00 2.37
C GLU B 42 -12.64 -4.07 1.47
N ASP B 43 -12.90 -4.10 0.16
CA ASP B 43 -11.90 -4.27 -0.91
C ASP B 43 -10.75 -5.19 -0.52
N GLY B 44 -11.08 -6.30 0.15
CA GLY B 44 -10.09 -7.32 0.48
C GLY B 44 -8.91 -6.84 1.28
N LYS B 45 -9.03 -5.72 1.98
CA LYS B 45 -7.90 -5.14 2.70
C LYS B 45 -8.27 -4.52 4.05
N VAL B 46 -9.54 -4.26 4.32
CA VAL B 46 -9.96 -3.53 5.50
C VAL B 46 -11.06 -4.31 6.20
N ILE B 47 -10.94 -4.44 7.51
CA ILE B 47 -11.96 -5.08 8.34
C ILE B 47 -12.57 -3.99 9.22
N ASN B 48 -13.82 -3.65 8.95
CA ASN B 48 -14.52 -2.62 9.70
C ASN B 48 -15.28 -3.27 10.85
N GLN B 49 -14.88 -2.96 12.08
CA GLN B 49 -15.54 -3.49 13.27
C GLN B 49 -16.60 -2.51 13.73
N SER B 50 -17.85 -2.98 13.83
CA SER B 50 -18.97 -2.16 14.25
C SER B 50 -19.69 -2.84 15.40
N ALA B 51 -20.00 -2.07 16.44
CA ALA B 51 -20.66 -2.59 17.63
C ALA B 51 -21.32 -1.42 18.34
N PRO B 52 -22.30 -1.69 19.22
CA PRO B 52 -22.94 -0.57 19.95
C PRO B 52 -21.98 0.20 20.84
N SER B 53 -21.12 -0.50 21.58
CA SER B 53 -20.24 0.13 22.55
C SER B 53 -18.78 -0.11 22.17
N ASP B 54 -17.89 0.62 22.86
CA ASP B 54 -16.46 0.51 22.58
C ASP B 54 -15.86 -0.74 23.19
N PHE B 55 -16.26 -1.08 24.42
CA PHE B 55 -15.75 -2.29 25.06
C PHE B 55 -16.13 -3.54 24.26
N GLN B 56 -17.25 -3.49 23.55
CA GLN B 56 -17.63 -4.61 22.68
C GLN B 56 -16.73 -4.70 21.47
N VAL B 57 -16.27 -3.55 20.94
CA VAL B 57 -15.31 -3.56 19.84
C VAL B 57 -14.00 -4.19 20.29
N LYS B 58 -13.59 -3.92 21.53
CA LYS B 58 -12.38 -4.54 22.07
C LYS B 58 -12.53 -6.05 22.15
N GLN B 59 -13.70 -6.53 22.54
CA GLN B 59 -13.96 -7.96 22.54
C GLN B 59 -13.96 -8.50 21.11
N MET B 60 -14.53 -7.74 20.16
CA MET B 60 -14.49 -8.16 18.76
C MET B 60 -13.05 -8.25 18.25
N THR B 61 -12.17 -7.37 18.73
CA THR B 61 -10.77 -7.44 18.33
C THR B 61 -10.14 -8.76 18.78
N ASP B 62 -10.42 -9.19 20.01
CA ASP B 62 -9.88 -10.45 20.49
C ASP B 62 -10.41 -11.63 19.69
N ILE B 63 -11.66 -11.56 19.25
CA ILE B 63 -12.21 -12.62 18.42
C ILE B 63 -11.59 -12.59 17.03
N LEU B 64 -11.47 -11.40 16.44
CA LEU B 64 -10.88 -11.29 15.10
C LEU B 64 -9.46 -11.85 15.07
N ARG B 65 -8.66 -11.53 16.09
CA ARG B 65 -7.31 -12.07 16.17
C ARG B 65 -7.33 -13.60 16.19
N ALA B 66 -8.08 -14.18 17.14
CA ALA B 66 -8.11 -15.62 17.30
C ALA B 66 -8.56 -16.31 16.01
N ARG B 67 -9.55 -15.76 15.32
CA ARG B 67 -10.02 -16.36 14.08
C ARG B 67 -9.03 -16.20 12.94
N LEU B 68 -8.15 -15.19 13.01
CA LEU B 68 -7.13 -15.03 11.98
C LEU B 68 -5.99 -16.05 12.17
N LEU B 69 -5.63 -16.33 13.42
CA LEU B 69 -4.62 -17.36 13.68
C LEU B 69 -5.07 -18.72 13.15
N ALA B 70 -6.34 -19.08 13.37
CA ALA B 70 -6.84 -20.41 13.02
C ALA B 70 -6.75 -20.68 11.52
N ARG B 71 -6.62 -19.65 10.69
CA ARG B 71 -6.46 -19.82 9.27
C ARG B 71 -5.06 -19.47 8.77
N GLY B 72 -4.14 -19.13 9.68
CA GLY B 72 -2.75 -18.95 9.34
C GLY B 72 -2.27 -17.54 9.14
N ILE B 73 -2.85 -16.56 9.84
CA ILE B 73 -2.46 -15.16 9.69
C ILE B 73 -1.81 -14.69 10.99
N ASP B 74 -0.56 -14.25 10.88
CA ASP B 74 0.11 -13.54 11.96
C ASP B 74 -0.55 -12.17 12.10
N VAL B 75 -1.26 -11.96 13.21
CA VAL B 75 -2.06 -10.75 13.39
C VAL B 75 -1.22 -9.49 13.54
N ARG B 76 0.11 -9.61 13.51
CA ARG B 76 0.95 -8.41 13.51
C ARG B 76 0.83 -7.61 12.22
N CYS B 77 0.11 -8.12 11.22
CA CYS B 77 -0.12 -7.41 9.98
C CYS B 77 -1.28 -6.43 10.06
N LEU B 78 -1.94 -6.31 11.22
CA LEU B 78 -3.16 -5.53 11.34
C LEU B 78 -2.83 -4.11 11.76
N GLU B 79 -3.31 -3.14 10.97
CA GLU B 79 -3.16 -1.71 11.26
C GLU B 79 -4.45 -1.25 11.94
N PHE B 80 -4.39 -1.04 13.25
CA PHE B 80 -5.57 -0.68 14.04
C PHE B 80 -5.76 0.83 14.02
N GLY B 81 -6.95 1.26 13.58
CA GLY B 81 -7.33 2.64 13.70
C GLY B 81 -7.92 2.95 15.06
N ASP B 82 -8.28 4.21 15.25
CA ASP B 82 -8.85 4.63 16.51
C ASP B 82 -10.28 4.10 16.67
N VAL B 83 -10.68 3.86 17.90
CA VAL B 83 -12.06 3.47 18.22
C VAL B 83 -12.88 4.76 18.27
N GLU B 84 -13.62 5.04 17.21
CA GLU B 84 -14.41 6.26 17.12
C GLU B 84 -15.87 5.95 17.44
N THR B 85 -16.45 6.76 18.32
CA THR B 85 -17.82 6.56 18.79
C THR B 85 -18.66 7.78 18.43
N ASN B 86 -19.85 7.53 17.88
CA ASN B 86 -20.86 8.57 17.72
C ASN B 86 -22.20 8.05 18.24
N LEU B 87 -23.30 8.59 17.73
CA LEU B 87 -24.61 8.12 18.15
C LEU B 87 -24.98 6.79 17.51
N ALA B 88 -24.40 6.45 16.36
CA ALA B 88 -24.69 5.18 15.72
C ALA B 88 -24.02 4.00 16.44
N GLY B 89 -22.99 4.26 17.24
CA GLY B 89 -22.31 3.23 17.97
C GLY B 89 -20.81 3.42 17.89
N ALA B 90 -20.08 2.34 18.10
CA ALA B 90 -18.62 2.35 18.06
C ALA B 90 -18.14 1.68 16.78
N ARG B 91 -17.25 2.35 16.06
CA ARG B 91 -16.69 1.84 14.82
C ARG B 91 -15.17 1.87 14.91
N GLN B 92 -14.52 0.85 14.35
CA GLN B 92 -13.06 0.86 14.25
C GLN B 92 -12.64 0.17 12.97
N LYS B 93 -11.83 0.87 12.19
CA LYS B 93 -11.26 0.32 10.97
C LYS B 93 -9.89 -0.27 11.26
N VAL B 94 -9.70 -1.53 10.88
CA VAL B 94 -8.40 -2.19 10.96
C VAL B 94 -7.97 -2.57 9.56
N THR B 95 -6.70 -2.36 9.26
CA THR B 95 -6.15 -2.54 7.92
C THR B 95 -5.13 -3.67 7.93
N VAL B 96 -5.18 -4.50 6.88
CA VAL B 96 -4.23 -5.59 6.72
C VAL B 96 -3.03 -5.05 5.96
N LYS B 97 -1.88 -5.02 6.62
CA LYS B 97 -0.64 -4.55 6.01
C LYS B 97 0.09 -5.69 5.34
N GLN B 98 0.59 -5.43 4.13
CA GLN B 98 1.37 -6.41 3.38
C GLN B 98 2.57 -5.70 2.76
N GLY B 99 3.59 -6.49 2.45
CA GLY B 99 4.77 -5.95 1.79
C GLY B 99 5.84 -5.51 2.77
N ILE B 100 7.09 -5.62 2.32
CA ILE B 100 8.26 -5.22 3.10
C ILE B 100 8.74 -3.89 2.52
N GLU B 101 8.61 -2.82 3.28
CA GLU B 101 9.00 -1.51 2.79
C GLU B 101 10.51 -1.33 2.88
N GLN B 102 10.97 -0.18 2.38
CA GLN B 102 12.41 0.09 2.25
C GLN B 102 13.11 -0.01 3.60
N LYS B 103 12.52 0.54 4.65
CA LYS B 103 13.13 0.51 5.97
C LYS B 103 13.31 -0.92 6.46
N GLN B 104 12.24 -1.72 6.40
CA GLN B 104 12.31 -3.08 6.92
C GLN B 104 13.31 -3.93 6.13
N ALA B 105 13.32 -3.80 4.80
CA ALA B 105 14.23 -4.60 3.99
C ALA B 105 15.68 -4.36 4.39
N LYS B 106 16.05 -3.09 4.60
CA LYS B 106 17.40 -2.81 5.06
C LYS B 106 17.65 -3.36 6.46
N GLN B 107 16.63 -3.37 7.31
CA GLN B 107 16.78 -4.02 8.62
C GLN B 107 16.99 -5.52 8.45
N LEU B 108 16.29 -6.14 7.52
CA LEU B 108 16.48 -7.57 7.28
C LEU B 108 17.86 -7.83 6.65
N VAL B 109 18.29 -6.96 5.74
CA VAL B 109 19.62 -7.11 5.16
C VAL B 109 20.70 -7.00 6.24
N ALA B 110 20.50 -6.07 7.18
CA ALA B 110 21.48 -5.90 8.25
C ALA B 110 21.54 -7.13 9.16
N LYS B 111 20.39 -7.78 9.37
CA LYS B 111 20.39 -8.97 10.22
C LYS B 111 21.10 -10.14 9.55
N LEU B 112 20.98 -10.24 8.22
CA LEU B 112 21.71 -11.28 7.50
C LEU B 112 23.21 -11.02 7.55
N LYS B 113 23.63 -9.76 7.41
CA LYS B 113 25.04 -9.41 7.55
C LYS B 113 25.53 -9.68 8.96
N GLU B 114 24.69 -9.40 9.97
CA GLU B 114 25.08 -9.64 11.35
C GLU B 114 25.31 -11.12 11.60
N ALA B 115 24.48 -11.98 11.03
CA ALA B 115 24.66 -13.42 11.17
C ALA B 115 25.78 -13.98 10.31
N LYS B 116 26.44 -13.13 9.52
CA LYS B 116 27.60 -13.53 8.70
C LYS B 116 27.26 -14.65 7.74
N LEU B 117 26.06 -14.59 7.17
CA LEU B 117 25.60 -15.66 6.29
C LEU B 117 26.14 -15.46 4.88
N LYS B 118 26.56 -16.55 4.26
CA LYS B 118 27.02 -16.47 2.88
C LYS B 118 25.86 -16.29 1.93
N VAL B 119 25.07 -15.24 2.15
CA VAL B 119 23.91 -14.95 1.34
C VAL B 119 24.05 -13.55 0.77
N GLU B 120 23.25 -13.26 -0.25
CA GLU B 120 23.14 -11.93 -0.81
C GLU B 120 21.67 -11.59 -0.94
N ALA B 121 21.23 -10.56 -0.22
CA ALA B 121 19.84 -10.12 -0.22
C ALA B 121 19.71 -8.84 -1.03
N GLN B 122 18.76 -8.84 -1.96
CA GLN B 122 18.45 -7.65 -2.76
C GLN B 122 16.96 -7.39 -2.69
N ILE B 123 16.61 -6.11 -2.75
CA ILE B 123 15.23 -5.67 -2.58
C ILE B 123 14.53 -5.70 -3.93
N ASN B 124 13.49 -6.52 -4.04
CA ASN B 124 12.68 -6.65 -5.25
C ASN B 124 11.30 -6.06 -4.95
N GLY B 125 11.20 -4.74 -5.04
CA GLY B 125 9.95 -4.08 -4.73
C GLY B 125 9.64 -4.21 -3.25
N ASP B 126 8.51 -4.84 -2.93
CA ASP B 126 8.11 -5.09 -1.55
C ASP B 126 8.51 -6.48 -1.07
N LYS B 127 9.40 -7.16 -1.79
CA LYS B 127 9.94 -8.45 -1.40
C LYS B 127 11.45 -8.37 -1.29
N LEU B 128 12.03 -9.29 -0.53
CA LEU B 128 13.47 -9.39 -0.36
C LEU B 128 13.96 -10.69 -0.99
N ARG B 129 14.77 -10.56 -2.02
CA ARG B 129 15.36 -11.72 -2.71
C ARG B 129 16.65 -12.11 -1.99
N VAL B 130 16.69 -13.34 -1.50
CA VAL B 130 17.86 -13.89 -0.81
C VAL B 130 18.42 -15.01 -1.68
N THR B 131 19.62 -14.81 -2.21
CA THR B 131 20.27 -15.78 -3.07
C THR B 131 21.59 -16.21 -2.45
N GLY B 132 21.89 -17.51 -2.56
CA GLY B 132 23.15 -18.04 -2.08
C GLY B 132 23.58 -19.21 -2.93
N LYS B 133 24.85 -19.59 -2.78
CA LYS B 133 25.39 -20.69 -3.56
C LYS B 133 25.03 -22.06 -2.96
N LYS B 134 24.85 -22.12 -1.65
CA LYS B 134 24.49 -23.35 -0.97
C LYS B 134 23.14 -23.19 -0.28
N ARG B 135 22.32 -24.23 -0.36
CA ARG B 135 20.98 -24.17 0.21
C ARG B 135 21.01 -24.13 1.73
N ASP B 136 22.02 -24.74 2.35
CA ASP B 136 22.10 -24.71 3.81
C ASP B 136 22.41 -23.31 4.33
N ASP B 137 23.07 -22.49 3.51
CA ASP B 137 23.17 -21.07 3.85
C ASP B 137 21.81 -20.38 3.73
N LEU B 138 21.02 -20.79 2.73
CA LEU B 138 19.67 -20.25 2.59
C LEU B 138 18.78 -20.70 3.74
N GLN B 139 18.89 -21.97 4.16
CA GLN B 139 18.12 -22.44 5.29
C GLN B 139 18.54 -21.74 6.58
N ASP B 140 19.85 -21.50 6.74
CA ASP B 140 20.31 -20.75 7.90
C ASP B 140 19.79 -19.32 7.87
N ALA B 141 19.68 -18.74 6.68
CA ALA B 141 19.13 -17.38 6.56
C ALA B 141 17.66 -17.36 6.95
N ILE B 142 16.90 -18.40 6.60
CA ILE B 142 15.51 -18.47 7.01
C ILE B 142 15.40 -18.59 8.52
N ALA B 143 16.23 -19.44 9.13
CA ALA B 143 16.20 -19.62 10.58
C ALA B 143 16.57 -18.33 11.30
N VAL B 144 17.58 -17.61 10.80
CA VAL B 144 17.99 -16.36 11.42
C VAL B 144 16.86 -15.34 11.33
N LEU B 145 16.19 -15.26 10.17
CA LEU B 145 15.09 -14.32 10.02
C LEU B 145 13.88 -14.72 10.84
N LYS B 146 13.66 -16.03 11.03
CA LYS B 146 12.53 -16.47 11.84
C LYS B 146 12.75 -16.19 13.32
N LYS B 147 13.97 -16.42 13.82
CA LYS B 147 14.26 -16.26 15.23
C LYS B 147 14.46 -14.80 15.64
N ALA B 148 14.66 -13.89 14.69
CA ALA B 148 14.83 -12.48 14.99
C ALA B 148 13.45 -11.85 15.20
N ASP B 149 13.14 -11.52 16.46
CA ASP B 149 11.82 -10.98 16.82
C ASP B 149 11.70 -9.55 16.32
N PHE B 150 11.42 -9.41 15.02
CA PHE B 150 11.20 -8.11 14.42
C PHE B 150 9.70 -7.86 14.23
N GLU B 151 9.33 -6.59 14.23
CA GLU B 151 7.95 -6.10 14.32
C GLU B 151 7.07 -6.50 13.13
N LEU B 152 7.47 -7.38 12.22
CA LEU B 152 6.69 -7.63 11.02
C LEU B 152 6.64 -9.13 10.73
N PRO B 153 5.46 -9.66 10.41
CA PRO B 153 5.37 -11.08 10.04
C PRO B 153 6.08 -11.36 8.72
N LEU B 154 6.81 -12.47 8.69
CA LEU B 154 7.62 -12.83 7.54
C LEU B 154 7.28 -14.23 7.07
N GLN B 155 7.12 -14.40 5.76
CA GLN B 155 6.97 -15.70 5.12
C GLN B 155 8.07 -15.88 4.09
N PHE B 156 8.20 -17.11 3.60
CA PHE B 156 9.28 -17.45 2.68
C PHE B 156 8.71 -18.32 1.57
N ASP B 157 8.84 -17.86 0.33
CA ASP B 157 8.16 -18.45 -0.80
C ASP B 157 9.14 -18.49 -1.99
N ASN B 158 8.67 -19.06 -3.10
CA ASN B 158 9.35 -18.97 -4.39
C ASN B 158 10.78 -19.51 -4.30
N PHE B 159 10.92 -20.69 -3.71
CA PHE B 159 12.21 -21.36 -3.68
C PHE B 159 12.59 -21.76 -5.10
N ARG B 160 13.80 -21.41 -5.51
CA ARG B 160 14.24 -21.57 -6.90
C ARG B 160 15.59 -22.27 -6.96
N ASP B 161 15.87 -22.83 -8.13
CA ASP B 161 17.16 -23.43 -8.41
C ASP B 161 18.00 -22.52 -9.31
#